data_1U0S
#
_entry.id   1U0S
#
_cell.length_a   88.55
_cell.length_b   91.43
_cell.length_c   31.66
_cell.angle_alpha   90
_cell.angle_beta   90
_cell.angle_gamma   90
#
_symmetry.space_group_name_H-M   'P 21 21 2'
#
loop_
_entity.id
_entity.type
_entity.pdbx_description
1 polymer 'Chemotaxis protein cheY'
2 polymer 'Chemotaxis protein cheA'
3 water water
#
loop_
_entity_poly.entity_id
_entity_poly.type
_entity_poly.pdbx_seq_one_letter_code
_entity_poly.pdbx_strand_id
1 'polypeptide(L)'
;GKRVLIVDDAAFMRMMLKDIITKAGYEVAGEATNGREAVEKYKELKPDIVTMDITMPEMNGIDAIKEIMKIDPNAKIIVC
SAMGQQAMVIEAIKAGAKDFIVKPFQPSRVVEALNKVS
;
Y
2 'polypeptide(L)'
;GFKTFYIKVILKEGTQLKSARIYLVFHKLEELKCEVVRTIPSVEEIEEEKFENEVELFVISPVDLEKLSEALSSIADIER
VIIKEV
;
A
#
# COMPACT_ATOMS: atom_id res chain seq x y z
N GLY A 1 5.42 19.03 1.92
CA GLY A 1 5.52 17.59 2.27
C GLY A 1 4.18 16.88 2.16
N LYS A 2 3.15 17.61 1.75
CA LYS A 2 1.80 17.05 1.63
C LYS A 2 1.19 17.24 0.24
N ARG A 3 2.03 17.43 -0.78
CA ARG A 3 1.55 17.65 -2.15
C ARG A 3 1.36 16.35 -2.92
N VAL A 4 0.15 16.17 -3.44
CA VAL A 4 -0.23 14.97 -4.16
C VAL A 4 -0.54 15.15 -5.63
N LEU A 5 -0.02 14.23 -6.44
CA LEU A 5 -0.28 14.21 -7.88
C LEU A 5 -1.34 13.13 -8.05
N ILE A 6 -2.52 13.51 -8.56
CA ILE A 6 -3.63 12.58 -8.75
C ILE A 6 -3.69 12.09 -10.20
N VAL A 7 -3.59 10.77 -10.39
CA VAL A 7 -3.65 10.20 -11.72
C VAL A 7 -4.86 9.28 -11.88
N ASP A 8 -5.81 9.71 -12.70
CA ASP A 8 -7.01 8.92 -12.94
C ASP A 8 -7.71 9.47 -14.17
N ASP A 9 -8.13 8.57 -15.05
CA ASP A 9 -8.82 8.94 -16.28
C ASP A 9 -10.12 9.70 -16.04
N ALA A 10 -10.89 9.29 -15.03
CA ALA A 10 -12.18 9.92 -14.73
C ALA A 10 -12.13 11.20 -13.91
N ALA A 11 -12.69 12.27 -14.47
CA ALA A 11 -12.72 13.56 -13.79
C ALA A 11 -13.46 13.50 -12.44
N PHE A 12 -14.54 12.73 -12.38
CA PHE A 12 -15.30 12.60 -11.15
C PHE A 12 -14.49 11.90 -10.06
N MET A 13 -13.73 10.89 -10.46
CA MET A 13 -12.90 10.15 -9.52
C MET A 13 -11.80 11.04 -8.94
N ARG A 14 -11.23 11.89 -9.78
CA ARG A 14 -10.20 12.81 -9.31
C ARG A 14 -10.82 13.83 -8.35
N MET A 15 -12.06 14.23 -8.64
CA MET A 15 -12.78 15.20 -7.81
C MET A 15 -13.01 14.64 -6.41
N MET A 16 -13.41 13.38 -6.33
CA MET A 16 -13.66 12.75 -5.05
C MET A 16 -12.37 12.66 -4.24
N LEU A 17 -11.26 12.40 -4.94
CA LEU A 17 -9.94 12.31 -4.29
C LEU A 17 -9.46 13.70 -3.84
N LYS A 18 -9.71 14.73 -4.65
CA LYS A 18 -9.30 16.09 -4.30
C LYS A 18 -10.03 16.54 -3.04
N ASP A 19 -11.31 16.18 -2.94
CA ASP A 19 -12.12 16.55 -1.80
C ASP A 19 -11.55 15.93 -0.52
N ILE A 20 -11.27 14.63 -0.58
CA ILE A 20 -10.72 13.91 0.55
C ILE A 20 -9.36 14.49 0.95
N ILE A 21 -8.51 14.70 -0.04
CA ILE A 21 -7.17 15.26 0.17
C ILE A 21 -7.19 16.62 0.88
N THR A 22 -8.07 17.50 0.42
CA THR A 22 -8.20 18.85 0.99
C THR A 22 -8.69 18.80 2.45
N LYS A 23 -9.75 18.04 2.67
CA LYS A 23 -10.32 17.89 4.01
C LYS A 23 -9.35 17.24 4.99
N ALA A 24 -8.44 16.42 4.47
CA ALA A 24 -7.44 15.72 5.28
C ALA A 24 -6.16 16.53 5.54
N GLY A 25 -6.13 17.78 5.10
CA GLY A 25 -4.95 18.60 5.33
C GLY A 25 -3.84 18.49 4.31
N TYR A 26 -4.08 17.76 3.24
CA TYR A 26 -3.08 17.61 2.18
C TYR A 26 -3.44 18.57 1.06
N GLU A 27 -2.58 18.67 0.05
CA GLU A 27 -2.89 19.55 -1.06
C GLU A 27 -2.68 18.90 -2.43
N VAL A 28 -3.46 19.38 -3.39
CA VAL A 28 -3.38 18.87 -4.75
C VAL A 28 -2.26 19.57 -5.52
N ALA A 29 -1.20 18.82 -5.81
CA ALA A 29 -0.08 19.35 -6.55
C ALA A 29 -0.51 19.52 -8.00
N GLY A 30 -1.31 18.56 -8.47
CA GLY A 30 -1.80 18.58 -9.83
C GLY A 30 -2.47 17.27 -10.17
N GLU A 31 -2.83 17.10 -11.42
CA GLU A 31 -3.49 15.87 -11.84
C GLU A 31 -3.13 15.46 -13.26
N ALA A 32 -3.30 14.17 -13.54
CA ALA A 32 -3.03 13.59 -14.85
C ALA A 32 -4.15 12.62 -15.17
N THR A 33 -4.46 12.47 -16.45
CA THR A 33 -5.51 11.57 -16.89
C THR A 33 -4.96 10.25 -17.40
N ASN A 34 -3.65 10.21 -17.64
CA ASN A 34 -2.99 9.00 -18.13
C ASN A 34 -1.56 8.89 -17.58
N GLY A 35 -0.94 7.74 -17.79
CA GLY A 35 0.40 7.48 -17.30
C GLY A 35 1.51 8.31 -17.90
N ARG A 36 1.38 8.62 -19.18
CA ARG A 36 2.37 9.42 -19.89
C ARG A 36 2.38 10.82 -19.26
N GLU A 37 1.19 11.38 -19.08
CA GLU A 37 1.04 12.69 -18.47
C GLU A 37 1.49 12.65 -17.00
N ALA A 38 1.29 11.52 -16.35
CA ALA A 38 1.68 11.37 -14.95
C ALA A 38 3.18 11.59 -14.78
N VAL A 39 3.97 10.93 -15.62
CA VAL A 39 5.44 11.04 -15.58
C VAL A 39 5.91 12.47 -15.87
N GLU A 40 5.23 13.13 -16.79
CA GLU A 40 5.58 14.51 -17.13
C GLU A 40 5.27 15.43 -15.96
N LYS A 41 4.10 15.23 -15.35
CA LYS A 41 3.68 16.04 -14.21
C LYS A 41 4.56 15.77 -13.00
N TYR A 42 5.06 14.54 -12.87
CA TYR A 42 5.92 14.20 -11.75
C TYR A 42 7.21 15.02 -11.81
N LYS A 43 7.79 15.11 -12.99
CA LYS A 43 9.03 15.87 -13.18
C LYS A 43 8.82 17.36 -12.93
N GLU A 44 7.74 17.91 -13.46
CA GLU A 44 7.49 19.34 -13.29
C GLU A 44 6.93 19.78 -11.94
N LEU A 45 6.05 18.97 -11.34
CA LEU A 45 5.44 19.32 -10.06
C LEU A 45 6.21 18.86 -8.82
N LYS A 46 7.02 17.81 -8.97
CA LYS A 46 7.82 17.26 -7.87
C LYS A 46 6.94 17.02 -6.65
N PRO A 47 5.89 16.20 -6.81
CA PRO A 47 4.99 15.93 -5.69
C PRO A 47 5.62 14.98 -4.66
N ASP A 48 5.07 15.02 -3.45
CA ASP A 48 5.53 14.18 -2.36
C ASP A 48 4.90 12.81 -2.46
N ILE A 49 3.65 12.80 -2.94
CA ILE A 49 2.87 11.58 -3.07
C ILE A 49 2.13 11.52 -4.40
N VAL A 50 1.94 10.31 -4.92
CA VAL A 50 1.20 10.10 -6.17
C VAL A 50 0.13 9.04 -5.95
N THR A 51 -1.09 9.30 -6.43
CA THR A 51 -2.16 8.30 -6.35
C THR A 51 -2.28 7.84 -7.80
N MET A 52 -2.16 6.54 -8.02
CA MET A 52 -2.19 5.96 -9.35
C MET A 52 -3.30 4.94 -9.54
N ASP A 53 -4.27 5.28 -10.38
CA ASP A 53 -5.36 4.37 -10.68
C ASP A 53 -4.86 3.23 -11.58
N ILE A 54 -5.18 1.99 -11.21
CA ILE A 54 -4.79 0.83 -12.00
C ILE A 54 -6.02 -0.04 -12.26
N THR A 55 -7.21 0.53 -12.07
CA THR A 55 -8.46 -0.21 -12.27
C THR A 55 -8.69 -0.62 -13.72
N MET A 56 -8.11 0.16 -14.64
CA MET A 56 -8.25 -0.12 -16.08
C MET A 56 -6.89 -0.54 -16.64
N PRO A 57 -6.68 -1.85 -16.87
CA PRO A 57 -5.43 -2.38 -17.40
C PRO A 57 -4.97 -1.73 -18.71
N GLU A 58 -5.94 -1.40 -19.56
CA GLU A 58 -5.64 -0.77 -20.84
C GLU A 58 -4.96 0.59 -20.67
N MET A 59 -5.20 1.23 -19.53
CA MET A 59 -4.63 2.52 -19.21
C MET A 59 -3.16 2.44 -18.84
N ASN A 60 -2.70 1.22 -18.53
CA ASN A 60 -1.29 0.96 -18.23
C ASN A 60 -0.69 1.73 -17.04
N GLY A 61 -1.42 1.77 -15.93
CA GLY A 61 -0.93 2.46 -14.75
C GLY A 61 0.34 1.81 -14.20
N ILE A 62 0.49 0.51 -14.39
CA ILE A 62 1.67 -0.21 -13.92
C ILE A 62 2.95 0.31 -14.58
N ASP A 63 2.89 0.58 -15.89
CA ASP A 63 4.06 1.09 -16.60
C ASP A 63 4.44 2.49 -16.12
N ALA A 64 3.44 3.31 -15.81
CA ALA A 64 3.67 4.66 -15.29
C ALA A 64 4.35 4.59 -13.92
N ILE A 65 4.02 3.55 -13.15
CA ILE A 65 4.64 3.37 -11.84
C ILE A 65 6.14 3.13 -12.03
N LYS A 66 6.47 2.20 -12.93
CA LYS A 66 7.86 1.88 -13.22
C LYS A 66 8.62 3.08 -13.76
N GLU A 67 7.98 3.87 -14.61
CA GLU A 67 8.61 5.07 -15.16
C GLU A 67 8.87 6.09 -14.06
N ILE A 68 7.89 6.27 -13.16
CA ILE A 68 8.06 7.22 -12.07
C ILE A 68 9.16 6.75 -11.13
N MET A 69 9.22 5.45 -10.88
CA MET A 69 10.25 4.87 -10.01
C MET A 69 11.64 5.10 -10.59
N LYS A 70 11.73 5.09 -11.93
CA LYS A 70 13.02 5.33 -12.61
C LYS A 70 13.45 6.79 -12.43
N ILE A 71 12.49 7.70 -12.56
CA ILE A 71 12.72 9.13 -12.39
C ILE A 71 13.12 9.42 -10.96
N ASP A 72 12.45 8.76 -10.02
CA ASP A 72 12.70 8.96 -8.61
C ASP A 72 12.53 7.66 -7.85
N PRO A 73 13.64 7.01 -7.44
CA PRO A 73 13.56 5.76 -6.70
C PRO A 73 12.92 5.92 -5.33
N ASN A 74 12.78 7.15 -4.86
CA ASN A 74 12.17 7.39 -3.57
C ASN A 74 10.72 7.88 -3.67
N ALA A 75 10.14 7.76 -4.85
CA ALA A 75 8.76 8.18 -5.07
C ALA A 75 7.82 7.40 -4.15
N LYS A 76 6.75 8.05 -3.70
CA LYS A 76 5.76 7.44 -2.83
C LYS A 76 4.43 7.35 -3.58
N ILE A 77 4.13 6.16 -4.06
CA ILE A 77 2.93 5.92 -4.85
C ILE A 77 1.90 5.05 -4.15
N ILE A 78 0.66 5.53 -4.13
CA ILE A 78 -0.45 4.79 -3.54
C ILE A 78 -1.29 4.36 -4.74
N VAL A 79 -1.47 3.06 -4.91
CA VAL A 79 -2.26 2.55 -6.01
C VAL A 79 -3.75 2.55 -5.68
N CYS A 80 -4.58 2.90 -6.67
CA CYS A 80 -6.03 2.92 -6.52
C CYS A 80 -6.57 1.75 -7.34
N SER A 81 -7.20 0.80 -6.65
CA SER A 81 -7.71 -0.39 -7.33
C SER A 81 -9.19 -0.63 -7.10
N ALA A 82 -9.65 -1.76 -7.63
CA ALA A 82 -11.04 -2.18 -7.51
C ALA A 82 -11.06 -3.57 -6.90
N MET A 83 -12.23 -4.03 -6.50
CA MET A 83 -12.37 -5.36 -5.93
C MET A 83 -11.93 -6.41 -6.95
N GLY A 84 -11.33 -7.48 -6.46
CA GLY A 84 -10.87 -8.54 -7.34
C GLY A 84 -9.53 -8.30 -8.00
N GLN A 85 -8.88 -7.18 -7.70
CA GLN A 85 -7.59 -6.85 -8.30
C GLN A 85 -6.38 -7.11 -7.42
N GLN A 86 -6.45 -8.10 -6.53
CA GLN A 86 -5.31 -8.37 -5.65
C GLN A 86 -4.01 -8.68 -6.40
N ALA A 87 -4.10 -9.39 -7.51
CA ALA A 87 -2.92 -9.73 -8.30
C ALA A 87 -2.23 -8.49 -8.88
N MET A 88 -3.03 -7.58 -9.43
CA MET A 88 -2.51 -6.34 -10.02
C MET A 88 -1.88 -5.46 -8.93
N VAL A 89 -2.54 -5.39 -7.78
CA VAL A 89 -2.03 -4.61 -6.66
C VAL A 89 -0.67 -5.14 -6.20
N ILE A 90 -0.59 -6.46 -6.00
CA ILE A 90 0.66 -7.08 -5.57
C ILE A 90 1.75 -6.79 -6.58
N GLU A 91 1.39 -6.83 -7.86
CA GLU A 91 2.31 -6.55 -8.96
C GLU A 91 2.77 -5.09 -8.89
N ALA A 92 1.86 -4.18 -8.57
CA ALA A 92 2.19 -2.75 -8.47
C ALA A 92 3.14 -2.49 -7.30
N ILE A 93 2.91 -3.18 -6.19
CA ILE A 93 3.76 -3.05 -5.00
C ILE A 93 5.18 -3.52 -5.32
N LYS A 94 5.29 -4.64 -6.06
CA LYS A 94 6.61 -5.16 -6.42
C LYS A 94 7.33 -4.19 -7.35
N ALA A 95 6.55 -3.44 -8.13
CA ALA A 95 7.08 -2.45 -9.05
C ALA A 95 7.54 -1.18 -8.33
N GLY A 96 7.20 -1.07 -7.05
CA GLY A 96 7.61 0.10 -6.28
C GLY A 96 6.54 0.82 -5.49
N ALA A 97 5.26 0.56 -5.77
CA ALA A 97 4.17 1.21 -5.04
C ALA A 97 4.27 0.89 -3.55
N LYS A 98 3.95 1.87 -2.71
CA LYS A 98 4.03 1.70 -1.25
C LYS A 98 2.78 1.18 -0.57
N ASP A 99 1.62 1.50 -1.12
CA ASP A 99 0.37 1.10 -0.50
C ASP A 99 -0.77 1.13 -1.53
N PHE A 100 -1.97 0.77 -1.11
CA PHE A 100 -3.11 0.77 -2.00
C PHE A 100 -4.41 1.09 -1.28
N ILE A 101 -5.35 1.63 -2.05
CA ILE A 101 -6.68 1.94 -1.56
C ILE A 101 -7.62 1.31 -2.58
N VAL A 102 -8.86 1.05 -2.18
CA VAL A 102 -9.82 0.39 -3.04
C VAL A 102 -11.09 1.22 -3.27
N LYS A 103 -11.53 1.30 -4.53
CA LYS A 103 -12.73 2.05 -4.92
C LYS A 103 -13.98 1.23 -4.56
N PRO A 104 -15.08 1.91 -4.21
CA PRO A 104 -15.25 3.36 -4.09
C PRO A 104 -14.47 3.92 -2.89
N PHE A 105 -13.90 5.11 -3.06
CA PHE A 105 -13.10 5.74 -2.01
C PHE A 105 -13.78 5.92 -0.65
N GLN A 106 -13.14 5.38 0.39
CA GLN A 106 -13.62 5.52 1.76
C GLN A 106 -12.63 6.50 2.35
N PRO A 107 -13.08 7.73 2.63
CA PRO A 107 -12.22 8.78 3.20
C PRO A 107 -11.24 8.37 4.31
N SER A 108 -11.71 7.63 5.31
CA SER A 108 -10.84 7.22 6.40
C SER A 108 -9.66 6.36 5.93
N ARG A 109 -9.91 5.53 4.92
N ARG A 109 -9.91 5.53 4.92
CA ARG A 109 -8.88 4.64 4.36
CA ARG A 109 -8.90 4.64 4.33
C ARG A 109 -7.87 5.45 3.54
C ARG A 109 -7.88 5.46 3.54
N VAL A 110 -8.38 6.40 2.74
CA VAL A 110 -7.51 7.25 1.93
C VAL A 110 -6.63 8.10 2.85
N VAL A 111 -7.24 8.62 3.91
CA VAL A 111 -6.51 9.45 4.87
C VAL A 111 -5.39 8.66 5.56
N GLU A 112 -5.68 7.44 5.97
CA GLU A 112 -4.63 6.64 6.61
C GLU A 112 -3.52 6.29 5.63
N ALA A 113 -3.88 6.02 4.38
CA ALA A 113 -2.89 5.68 3.35
C ALA A 113 -1.95 6.87 3.14
N LEU A 114 -2.52 8.07 3.03
CA LEU A 114 -1.72 9.28 2.85
C LEU A 114 -0.80 9.49 4.04
N ASN A 115 -1.34 9.38 5.26
CA ASN A 115 -0.55 9.54 6.48
C ASN A 115 0.58 8.53 6.60
N LYS A 116 0.27 7.26 6.32
CA LYS A 116 1.26 6.18 6.44
C LYS A 116 2.38 6.20 5.41
N VAL A 117 2.10 6.64 4.20
CA VAL A 117 3.13 6.68 3.16
C VAL A 117 4.16 7.77 3.49
N SER A 118 3.76 8.71 4.35
CA SER A 118 4.62 9.80 4.79
C SER A 118 5.36 9.39 6.06
N GLY B 1 23.17 -14.00 16.78
CA GLY B 1 22.11 -13.76 17.80
C GLY B 1 20.86 -13.09 17.25
N PHE B 2 20.27 -13.66 16.21
CA PHE B 2 19.04 -13.09 15.64
C PHE B 2 17.92 -13.33 16.65
N LYS B 3 16.70 -12.99 16.27
CA LYS B 3 15.57 -13.20 17.17
C LYS B 3 14.37 -13.78 16.47
N THR B 4 13.57 -14.49 17.25
CA THR B 4 12.36 -15.09 16.71
C THR B 4 11.17 -14.40 17.35
N PHE B 5 10.21 -14.03 16.52
CA PHE B 5 9.02 -13.35 16.99
C PHE B 5 7.75 -14.00 16.48
N TYR B 6 6.75 -14.03 17.35
CA TYR B 6 5.43 -14.54 16.98
C TYR B 6 4.69 -13.25 16.62
N ILE B 7 4.02 -13.26 15.48
CA ILE B 7 3.29 -12.08 15.02
C ILE B 7 1.88 -12.47 14.60
N LYS B 8 0.91 -11.67 15.04
CA LYS B 8 -0.47 -11.90 14.67
C LYS B 8 -1.02 -10.60 14.09
N VAL B 9 -1.39 -10.66 12.81
CA VAL B 9 -1.93 -9.49 12.12
C VAL B 9 -3.44 -9.60 12.10
N ILE B 10 -4.12 -8.59 12.66
CA ILE B 10 -5.57 -8.60 12.69
C ILE B 10 -6.11 -7.49 11.81
N LEU B 11 -6.95 -7.89 10.85
CA LEU B 11 -7.57 -6.94 9.94
C LEU B 11 -9.01 -6.65 10.34
N LYS B 12 -9.48 -5.47 9.96
N LYS B 12 -9.47 -5.45 10.02
CA LYS B 12 -10.85 -5.01 10.24
CA LYS B 12 -10.83 -5.03 10.33
C LYS B 12 -11.80 -5.88 9.44
C LYS B 12 -11.79 -5.87 9.45
N GLU B 13 -13.03 -6.02 9.91
CA GLU B 13 -14.06 -6.80 9.20
C GLU B 13 -14.20 -6.57 7.69
N GLY B 14 -14.37 -5.31 7.29
CA GLY B 14 -14.56 -4.97 5.90
C GLY B 14 -13.35 -4.94 4.98
N THR B 15 -12.14 -5.05 5.53
CA THR B 15 -10.88 -5.01 4.77
C THR B 15 -10.93 -5.65 3.38
N GLN B 16 -10.68 -4.82 2.37
CA GLN B 16 -10.71 -5.21 0.96
C GLN B 16 -9.34 -5.68 0.47
N LEU B 17 -9.36 -6.63 -0.48
CA LEU B 17 -8.13 -7.19 -1.06
C LEU B 17 -7.20 -7.64 0.07
N LYS B 18 -7.74 -8.44 0.99
CA LYS B 18 -6.97 -8.91 2.15
C LYS B 18 -5.65 -9.58 1.84
N SER B 19 -5.59 -10.34 0.74
CA SER B 19 -4.35 -11.02 0.37
C SER B 19 -3.25 -10.01 -0.01
N ALA B 20 -3.66 -8.89 -0.60
CA ALA B 20 -2.69 -7.84 -0.97
C ALA B 20 -2.28 -7.08 0.29
N ARG B 21 -3.21 -6.91 1.22
CA ARG B 21 -2.93 -6.21 2.47
C ARG B 21 -1.92 -7.02 3.26
N ILE B 22 -2.12 -8.34 3.29
CA ILE B 22 -1.21 -9.24 3.99
C ILE B 22 0.13 -9.29 3.25
N TYR B 23 0.09 -9.19 1.92
CA TYR B 23 1.33 -9.19 1.14
C TYR B 23 2.24 -8.05 1.59
N LEU B 24 1.62 -6.90 1.90
CA LEU B 24 2.37 -5.74 2.36
C LEU B 24 3.14 -6.05 3.63
N VAL B 25 2.56 -6.90 4.49
CA VAL B 25 3.22 -7.31 5.72
C VAL B 25 4.45 -8.15 5.36
N PHE B 26 4.26 -9.11 4.46
CA PHE B 26 5.37 -9.96 4.01
C PHE B 26 6.46 -9.14 3.33
N HIS B 27 6.04 -8.10 2.60
CA HIS B 27 6.97 -7.23 1.90
C HIS B 27 7.80 -6.41 2.89
N LYS B 28 7.16 -5.98 3.97
CA LYS B 28 7.85 -5.20 4.99
C LYS B 28 8.85 -6.07 5.73
N LEU B 29 8.46 -7.31 6.03
CA LEU B 29 9.34 -8.26 6.73
C LEU B 29 10.58 -8.55 5.89
N GLU B 30 10.39 -8.74 4.60
CA GLU B 30 11.50 -9.01 3.68
C GLU B 30 12.42 -7.79 3.59
N GLU B 31 11.83 -6.58 3.63
CA GLU B 31 12.62 -5.36 3.58
C GLU B 31 13.55 -5.29 4.80
N LEU B 32 13.04 -5.76 5.93
CA LEU B 32 13.81 -5.77 7.18
C LEU B 32 14.74 -6.98 7.25
N LYS B 33 14.75 -7.77 6.19
CA LYS B 33 15.58 -8.97 6.08
C LYS B 33 15.17 -10.10 7.04
N CYS B 34 13.90 -10.12 7.41
CA CYS B 34 13.38 -11.17 8.28
C CYS B 34 13.10 -12.39 7.41
N GLU B 35 13.10 -13.56 8.05
CA GLU B 35 12.82 -14.81 7.37
C GLU B 35 11.55 -15.40 7.98
N VAL B 36 10.55 -15.68 7.16
CA VAL B 36 9.29 -16.25 7.65
C VAL B 36 9.49 -17.76 7.82
N VAL B 37 9.37 -18.22 9.06
CA VAL B 37 9.54 -19.64 9.41
C VAL B 37 8.26 -20.46 9.25
N ARG B 38 7.16 -19.94 9.79
CA ARG B 38 5.87 -20.61 9.72
C ARG B 38 4.74 -19.59 9.68
N THR B 39 3.61 -19.99 9.10
CA THR B 39 2.44 -19.10 9.03
C THR B 39 1.16 -19.88 9.22
N ILE B 40 0.10 -19.16 9.58
CA ILE B 40 -1.24 -19.71 9.76
C ILE B 40 -2.16 -18.70 9.07
N PRO B 41 -2.82 -19.12 7.97
CA PRO B 41 -2.74 -20.46 7.37
C PRO B 41 -1.51 -20.57 6.49
N SER B 42 -1.48 -21.58 5.63
CA SER B 42 -0.34 -21.78 4.73
C SER B 42 -0.24 -20.60 3.77
N VAL B 43 0.95 -20.39 3.21
CA VAL B 43 1.18 -19.31 2.26
C VAL B 43 0.22 -19.41 1.07
N GLU B 44 -0.08 -20.63 0.65
CA GLU B 44 -0.99 -20.85 -0.46
C GLU B 44 -2.38 -20.33 -0.11
N GLU B 45 -2.87 -20.70 1.07
CA GLU B 45 -4.18 -20.28 1.54
C GLU B 45 -4.26 -18.76 1.69
N ILE B 46 -3.16 -18.13 2.11
CA ILE B 46 -3.13 -16.68 2.28
C ILE B 46 -3.32 -16.03 0.90
N GLU B 47 -2.53 -16.49 -0.07
CA GLU B 47 -2.59 -15.98 -1.43
C GLU B 47 -3.94 -16.21 -2.11
N GLU B 48 -4.75 -17.11 -1.54
CA GLU B 48 -6.07 -17.42 -2.07
C GLU B 48 -7.19 -16.91 -1.17
N GLU B 49 -6.80 -16.12 -0.17
CA GLU B 49 -7.72 -15.51 0.80
C GLU B 49 -8.56 -16.50 1.59
N LYS B 50 -7.99 -17.68 1.83
CA LYS B 50 -8.67 -18.71 2.60
C LYS B 50 -8.40 -18.49 4.09
N PHE B 51 -8.86 -17.34 4.57
CA PHE B 51 -8.74 -16.95 5.97
C PHE B 51 -9.76 -15.86 6.24
N GLU B 52 -9.89 -15.47 7.51
CA GLU B 52 -10.86 -14.45 7.89
C GLU B 52 -10.24 -13.06 8.06
N ASN B 53 -10.05 -12.63 9.30
CA ASN B 53 -9.49 -11.30 9.55
C ASN B 53 -8.11 -11.30 10.21
N GLU B 54 -7.48 -12.47 10.34
CA GLU B 54 -6.16 -12.51 10.98
C GLU B 54 -5.18 -13.50 10.33
N VAL B 55 -3.89 -13.19 10.47
CA VAL B 55 -2.84 -14.06 9.95
C VAL B 55 -1.75 -14.11 11.00
N GLU B 56 -1.21 -15.31 11.21
CA GLU B 56 -0.15 -15.49 12.19
C GLU B 56 1.15 -15.87 11.51
N LEU B 57 2.24 -15.36 12.05
CA LEU B 57 3.55 -15.64 11.50
C LEU B 57 4.59 -15.86 12.58
N PHE B 58 5.59 -16.66 12.26
CA PHE B 58 6.71 -16.91 13.16
C PHE B 58 7.90 -16.53 12.29
N VAL B 59 8.67 -15.55 12.76
CA VAL B 59 9.81 -15.07 11.97
C VAL B 59 11.12 -14.93 12.71
N ILE B 60 12.20 -15.01 11.95
CA ILE B 60 13.56 -14.82 12.47
C ILE B 60 13.85 -13.39 12.04
N SER B 61 14.26 -12.54 12.98
CA SER B 61 14.50 -11.13 12.70
C SER B 61 15.83 -10.57 13.17
N PRO B 62 16.51 -9.80 12.29
CA PRO B 62 17.79 -9.18 12.61
C PRO B 62 17.55 -7.85 13.35
N VAL B 63 16.29 -7.45 13.43
CA VAL B 63 15.93 -6.21 14.11
C VAL B 63 15.12 -6.53 15.38
N ASP B 64 15.13 -5.61 16.34
CA ASP B 64 14.38 -5.88 17.57
C ASP B 64 12.94 -5.42 17.56
N LEU B 65 12.22 -5.81 18.61
CA LEU B 65 10.81 -5.51 18.83
C LEU B 65 10.40 -4.09 18.48
N GLU B 66 11.12 -3.10 19.02
CA GLU B 66 10.78 -1.70 18.77
C GLU B 66 10.81 -1.30 17.30
N LYS B 67 11.86 -1.72 16.59
CA LYS B 67 12.00 -1.39 15.18
C LYS B 67 11.05 -2.23 14.33
N LEU B 68 10.83 -3.47 14.76
CA LEU B 68 9.92 -4.37 14.04
C LEU B 68 8.48 -3.89 14.16
N SER B 69 8.09 -3.48 15.37
CA SER B 69 6.73 -3.00 15.62
C SER B 69 6.47 -1.68 14.90
N GLU B 70 7.50 -0.83 14.87
CA GLU B 70 7.39 0.46 14.22
C GLU B 70 7.18 0.23 12.72
N ALA B 71 7.97 -0.70 12.16
CA ALA B 71 7.87 -1.05 10.75
C ALA B 71 6.53 -1.64 10.36
N LEU B 72 5.99 -2.53 11.19
CA LEU B 72 4.70 -3.15 10.89
C LEU B 72 3.52 -2.18 11.09
N SER B 73 3.72 -1.18 11.96
CA SER B 73 2.67 -0.19 12.22
C SER B 73 2.58 0.84 11.08
N SER B 74 3.57 0.84 10.20
CA SER B 74 3.58 1.77 9.07
C SER B 74 2.65 1.31 7.95
N ILE B 75 2.08 0.12 8.11
CA ILE B 75 1.17 -0.42 7.12
C ILE B 75 -0.26 0.00 7.46
N ALA B 76 -0.93 0.62 6.50
CA ALA B 76 -2.28 1.08 6.70
C ALA B 76 -3.30 -0.06 6.59
N ASP B 77 -4.51 0.22 7.05
CA ASP B 77 -5.62 -0.73 6.98
C ASP B 77 -5.40 -2.04 7.74
N ILE B 78 -4.86 -1.94 8.94
CA ILE B 78 -4.62 -3.08 9.82
C ILE B 78 -5.14 -2.67 11.19
N GLU B 79 -6.06 -3.46 11.74
CA GLU B 79 -6.63 -3.19 13.05
C GLU B 79 -5.59 -3.24 14.15
N ARG B 80 -4.85 -4.34 14.20
CA ARG B 80 -3.85 -4.55 15.23
C ARG B 80 -2.77 -5.54 14.83
N VAL B 81 -1.55 -5.28 15.32
CA VAL B 81 -0.42 -6.16 15.07
C VAL B 81 0.09 -6.62 16.44
N ILE B 82 -0.08 -7.90 16.75
CA ILE B 82 0.39 -8.45 18.01
C ILE B 82 1.77 -9.07 17.79
N ILE B 83 2.75 -8.62 18.55
CA ILE B 83 4.12 -9.13 18.42
C ILE B 83 4.65 -9.56 19.78
N LYS B 84 5.16 -10.80 19.83
CA LYS B 84 5.70 -11.36 21.05
C LYS B 84 6.98 -12.11 20.76
N GLU B 85 8.05 -11.75 21.46
CA GLU B 85 9.33 -12.43 21.27
C GLU B 85 9.22 -13.83 21.84
N VAL B 86 9.77 -14.81 21.12
CA VAL B 86 9.76 -16.20 21.53
C VAL B 86 11.19 -16.74 21.64
#